data_5LPA
#
_entry.id   5LPA
#
_cell.length_a   82.885
_cell.length_b   82.885
_cell.length_c   79.782
_cell.angle_alpha   90.00
_cell.angle_beta   90.00
_cell.angle_gamma   120.00
#
_symmetry.space_group_name_H-M   'P 32'
#
loop_
_entity.id
_entity.type
_entity.pdbx_description
1 polymer "Streptomycin 3''-adenylyltransferase"
2 non-polymer "ADENOSINE-5'-TRIPHOSPHATE"
3 non-polymer dihydrostreptomycin
4 non-polymer 'CALCIUM ION'
5 non-polymer 'CHLORIDE ION'
6 non-polymer 1,2-ETHANEDIOL
7 water water
#
_entity_poly.entity_id   1
_entity_poly.type   'polypeptide(L)'
_entity_poly.pdbx_seq_one_letter_code
;MTLSIPPSIQ(CME)QTEAA(CME)RLITRVTGDTLRAIHLYGSAVAGGLKPNSDIDLLVTI(CME)QPLTEAQRATLMQ
ELLALSSPPGASAEKRALQVTVVLYSQLVPWCFPPSREMQFGEWLREDICQGIYEPAQQDWDMVLLITQILETSIPLKGE
RAERLFTPAPAAQLLKALRYPLDLWQSTADVQGDEYHIVLTLARIWYTLSTGRFTSKDAAADWLLPQLPEDYAATLRAAQ
REYLGLEQQDWHILLPAVVRFVDFAKAHIPTQFTKGHHHHHH
;
_entity_poly.pdbx_strand_id   A,B
#
# COMPACT_ATOMS: atom_id res chain seq x y z
N THR A 2 -3.30 35.36 19.40
CA THR A 2 -2.61 34.51 18.40
C THR A 2 -2.02 33.27 19.09
N LEU A 3 -1.98 32.11 18.41
CA LEU A 3 -2.18 31.92 16.96
C LEU A 3 -3.41 32.57 16.25
N SER A 4 -3.22 32.87 14.98
CA SER A 4 -4.22 33.66 14.29
C SER A 4 -4.53 33.04 12.94
N ILE A 5 -5.79 33.23 12.53
CA ILE A 5 -6.29 32.78 11.23
C ILE A 5 -5.95 33.90 10.24
N PRO A 6 -5.18 33.61 9.19
CA PRO A 6 -4.87 34.66 8.21
C PRO A 6 -6.15 35.31 7.73
N PRO A 7 -6.23 36.64 7.76
CA PRO A 7 -7.44 37.31 7.25
C PRO A 7 -7.89 36.81 5.89
N SER A 8 -6.93 36.53 4.99
CA SER A 8 -7.28 36.17 3.63
C SER A 8 -7.98 34.81 3.50
N ILE A 9 -8.00 33.99 4.55
CA ILE A 9 -8.75 32.73 4.50
C ILE A 9 -9.93 32.72 5.46
N GLN A 10 -10.16 33.81 6.17
CA GLN A 10 -11.21 33.79 7.21
C GLN A 10 -12.59 33.42 6.72
N GLN A 12 -13.64 31.77 3.88
CA GLN A 12 -13.78 30.38 3.46
C GLN A 12 -13.68 29.40 4.64
N THR A 13 -12.79 29.72 5.60
CA THR A 13 -12.62 28.84 6.76
C THR A 13 -13.88 28.83 7.60
N GLU A 14 -14.54 29.99 7.79
CA GLU A 14 -15.83 30.03 8.49
C GLU A 14 -16.89 29.24 7.73
N ALA A 15 -16.92 29.35 6.40
CA ALA A 15 -17.91 28.60 5.63
C ALA A 15 -17.70 27.09 5.78
N ALA A 16 -16.45 26.63 5.80
CA ALA A 16 -16.16 25.22 5.96
C ALA A 16 -16.58 24.75 7.35
N ARG A 18 -18.91 26.03 9.23
N ARG A 18 -18.90 26.06 9.25
CA ARG A 18 -20.38 26.00 9.35
CA ARG A 18 -20.36 26.06 9.28
C ARG A 18 -20.99 24.82 8.60
C ARG A 18 -20.93 24.80 8.63
N LEU A 19 -20.42 24.46 7.44
CA LEU A 19 -20.89 23.28 6.75
C LEU A 19 -20.65 22.03 7.59
N ILE A 20 -19.42 21.84 8.06
CA ILE A 20 -19.08 20.64 8.82
C ILE A 20 -19.97 20.55 10.06
N THR A 21 -20.18 21.68 10.73
CA THR A 21 -21.03 21.69 11.93
C THR A 21 -22.47 21.28 11.58
N ARG A 22 -23.02 21.80 10.45
CA ARG A 22 -24.41 21.51 10.13
CA ARG A 22 -24.41 21.51 10.11
C ARG A 22 -24.61 20.05 9.75
N VAL A 23 -23.65 19.47 9.01
CA VAL A 23 -23.81 18.10 8.54
C VAL A 23 -23.57 17.10 9.65
N THR A 24 -22.53 17.32 10.47
CA THR A 24 -22.20 16.32 11.49
C THR A 24 -23.16 16.33 12.69
N GLY A 25 -23.80 17.46 12.98
CA GLY A 25 -24.78 17.50 14.06
C GLY A 25 -24.19 17.05 15.38
N ASP A 26 -24.94 16.21 16.10
CA ASP A 26 -24.56 15.96 17.51
C ASP A 26 -23.33 15.05 17.67
N THR A 27 -22.81 14.45 16.60
CA THR A 27 -21.58 13.65 16.74
C THR A 27 -20.31 14.49 16.76
N LEU A 28 -20.38 15.77 16.43
CA LEU A 28 -19.18 16.60 16.35
C LEU A 28 -18.60 16.85 17.74
N ARG A 29 -17.28 16.64 17.86
CA ARG A 29 -16.54 16.99 19.06
C ARG A 29 -15.66 18.23 18.89
N ALA A 30 -14.96 18.35 17.76
CA ALA A 30 -14.09 19.51 17.53
C ALA A 30 -13.77 19.66 16.04
N ILE A 31 -13.36 20.87 15.69
CA ILE A 31 -12.73 21.17 14.40
C ILE A 31 -11.49 22.03 14.67
N HIS A 32 -10.33 21.60 14.13
CA HIS A 32 -9.08 22.35 14.28
C HIS A 32 -8.48 22.72 12.94
N LEU A 33 -8.09 24.00 12.82
CA LEU A 33 -7.30 24.48 11.68
C LEU A 33 -5.82 24.28 12.05
N TYR A 34 -5.05 23.72 11.13
CA TYR A 34 -3.61 23.47 11.40
C TYR A 34 -2.87 23.60 10.06
N GLY A 35 -1.59 23.23 10.04
CA GLY A 35 -0.83 23.28 8.79
C GLY A 35 -0.33 24.69 8.47
N SER A 36 0.05 24.91 7.21
CA SER A 36 0.82 26.14 6.93
C SER A 36 0.01 27.42 7.13
N ALA A 37 -1.32 27.37 7.15
CA ALA A 37 -2.12 28.58 7.45
C ALA A 37 -1.82 29.09 8.85
N VAL A 38 -1.48 28.21 9.80
CA VAL A 38 -1.22 28.57 11.19
CA VAL A 38 -1.20 28.67 11.13
C VAL A 38 0.26 28.53 11.51
N ALA A 39 0.96 27.49 11.01
CA ALA A 39 2.36 27.27 11.37
C ALA A 39 3.31 28.07 10.50
N GLY A 40 2.83 28.61 9.36
CA GLY A 40 3.68 29.42 8.52
C GLY A 40 3.97 28.76 7.18
N GLY A 41 4.18 29.59 6.17
CA GLY A 41 4.45 29.14 4.82
C GLY A 41 3.22 28.99 3.94
N LEU A 42 2.25 29.90 4.07
CA LEU A 42 1.06 29.85 3.23
C LEU A 42 1.37 30.42 1.83
N LYS A 43 1.39 29.57 0.82
CA LYS A 43 1.76 29.93 -0.55
C LYS A 43 0.49 29.98 -1.43
N PRO A 44 0.57 30.53 -2.64
CA PRO A 44 -0.66 30.60 -3.46
C PRO A 44 -1.33 29.25 -3.72
N ASN A 45 -0.58 28.16 -3.85
CA ASN A 45 -1.18 26.86 -4.10
C ASN A 45 -1.53 26.11 -2.83
N SER A 46 -1.22 26.68 -1.66
CA SER A 46 -1.44 25.93 -0.42
C SER A 46 -2.92 25.68 -0.17
N ASP A 47 -3.21 24.52 0.41
CA ASP A 47 -4.58 24.21 0.83
C ASP A 47 -4.85 24.81 2.21
N ILE A 48 -6.08 24.60 2.71
CA ILE A 48 -6.43 24.92 4.10
C ILE A 48 -6.67 23.58 4.79
N ASP A 49 -5.91 23.30 5.86
CA ASP A 49 -5.93 21.97 6.51
C ASP A 49 -6.85 21.99 7.70
N LEU A 50 -7.83 21.08 7.70
CA LEU A 50 -8.81 20.99 8.80
C LEU A 50 -8.88 19.56 9.33
N LEU A 51 -8.90 19.40 10.66
CA LEU A 51 -9.16 18.11 11.29
C LEU A 51 -10.51 18.16 12.01
N VAL A 52 -11.39 17.19 11.72
CA VAL A 52 -12.73 17.12 12.32
C VAL A 52 -12.75 15.89 13.21
N THR A 53 -12.99 16.09 14.53
CA THR A 53 -13.03 15.00 15.51
C THR A 53 -14.51 14.72 15.83
N ILE A 54 -14.91 13.45 15.67
CA ILE A 54 -16.32 13.07 15.91
C ILE A 54 -16.38 11.90 16.88
N GLN A 56 -18.96 9.31 16.95
CA GLN A 56 -19.46 8.09 16.34
C GLN A 56 -19.31 8.21 14.84
N PRO A 57 -19.17 7.09 14.13
CA PRO A 57 -19.04 7.17 12.66
C PRO A 57 -20.21 7.90 12.01
N LEU A 58 -19.95 8.56 10.87
CA LEU A 58 -21.05 9.21 10.14
C LEU A 58 -21.88 8.18 9.38
N THR A 59 -23.18 8.46 9.24
CA THR A 59 -23.98 7.62 8.36
C THR A 59 -23.49 7.81 6.93
N GLU A 60 -23.89 6.88 6.04
CA GLU A 60 -23.57 7.09 4.64
C GLU A 60 -24.20 8.37 4.12
N ALA A 61 -25.37 8.73 4.64
CA ALA A 61 -26.01 9.99 4.27
C ALA A 61 -25.16 11.20 4.69
N GLN A 62 -24.70 11.21 5.94
CA GLN A 62 -23.85 12.31 6.40
C GLN A 62 -22.60 12.42 5.54
N ARG A 63 -21.94 11.29 5.27
N ARG A 63 -21.94 11.29 5.27
CA ARG A 63 -20.70 11.29 4.51
CA ARG A 63 -20.70 11.30 4.50
C ARG A 63 -20.92 11.80 3.08
C ARG A 63 -20.92 11.80 3.08
N ALA A 64 -21.98 11.32 2.42
CA ALA A 64 -22.26 11.74 1.06
C ALA A 64 -22.52 13.25 1.01
N THR A 65 -23.30 13.76 1.95
CA THR A 65 -23.62 15.18 1.94
C THR A 65 -22.37 16.01 2.21
N LEU A 66 -21.53 15.54 3.13
CA LEU A 66 -20.32 16.26 3.47
C LEU A 66 -19.37 16.32 2.27
N MET A 67 -19.17 15.19 1.61
N MET A 67 -19.17 15.20 1.59
CA MET A 67 -18.29 15.15 0.44
CA MET A 67 -18.25 15.18 0.46
C MET A 67 -18.79 16.06 -0.66
C MET A 67 -18.77 16.02 -0.71
N GLN A 68 -20.06 15.94 -1.02
CA GLN A 68 -20.60 16.72 -2.13
C GLN A 68 -20.57 18.22 -1.84
N GLU A 69 -20.92 18.62 -0.61
N GLU A 69 -20.93 18.63 -0.61
CA GLU A 69 -20.88 20.06 -0.31
CA GLU A 69 -20.90 20.04 -0.26
C GLU A 69 -19.47 20.60 -0.12
C GLU A 69 -19.47 20.57 -0.18
N LEU A 70 -18.51 19.76 0.30
CA LEU A 70 -17.12 20.25 0.33
C LEU A 70 -16.58 20.47 -1.08
N LEU A 71 -17.06 19.68 -2.06
CA LEU A 71 -16.68 19.91 -3.46
C LEU A 71 -17.02 21.32 -3.87
N ALA A 72 -18.18 21.81 -3.43
CA ALA A 72 -18.63 23.16 -3.77
C ALA A 72 -17.91 24.25 -3.00
N LEU A 73 -17.34 23.94 -1.82
CA LEU A 73 -16.61 24.94 -1.03
C LEU A 73 -15.12 24.99 -1.34
N SER A 74 -14.59 24.01 -2.05
CA SER A 74 -13.16 23.88 -2.37
C SER A 74 -12.94 24.15 -3.85
N SER A 75 -11.76 24.65 -4.21
N SER A 75 -11.72 24.56 -4.20
CA SER A 75 -11.34 24.71 -5.60
CA SER A 75 -11.30 24.80 -5.56
C SER A 75 -9.97 24.06 -5.77
C SER A 75 -9.94 24.13 -5.78
N PRO A 76 -9.65 23.64 -6.98
CA PRO A 76 -8.31 23.06 -7.26
C PRO A 76 -7.21 24.03 -6.85
N PRO A 77 -6.08 23.53 -6.35
CA PRO A 77 -5.01 24.44 -5.90
C PRO A 77 -4.52 25.30 -7.05
N GLY A 78 -4.44 26.61 -6.78
CA GLY A 78 -4.01 27.58 -7.77
C GLY A 78 -5.11 28.12 -8.67
N ALA A 79 -6.31 27.53 -8.67
CA ALA A 79 -7.35 28.03 -9.58
C ALA A 79 -7.81 29.41 -9.19
N SER A 80 -7.75 29.73 -7.89
CA SER A 80 -8.33 31.00 -7.45
C SER A 80 -7.48 31.50 -6.30
N ALA A 81 -7.29 32.81 -6.23
CA ALA A 81 -6.70 33.39 -5.02
C ALA A 81 -7.73 33.62 -3.91
N GLU A 82 -9.00 33.49 -4.20
CA GLU A 82 -10.10 33.79 -3.28
CA GLU A 82 -10.01 33.77 -3.17
C GLU A 82 -10.77 32.55 -2.70
N LYS A 83 -10.53 31.38 -3.29
CA LYS A 83 -11.20 30.13 -2.91
C LYS A 83 -10.11 29.07 -3.04
N ARG A 84 -9.56 28.64 -1.91
CA ARG A 84 -8.45 27.69 -1.88
C ARG A 84 -8.95 26.24 -1.94
N ALA A 85 -8.00 25.34 -2.16
CA ALA A 85 -8.25 23.92 -1.91
C ALA A 85 -8.43 23.68 -0.43
N LEU A 86 -9.39 22.82 -0.08
CA LEU A 86 -9.57 22.37 1.29
C LEU A 86 -9.08 20.94 1.46
N GLN A 87 -8.47 20.66 2.61
CA GLN A 87 -8.18 19.27 2.99
CA GLN A 87 -8.19 19.27 2.99
C GLN A 87 -8.88 19.02 4.31
N VAL A 88 -9.77 18.03 4.35
CA VAL A 88 -10.56 17.79 5.54
C VAL A 88 -10.37 16.33 5.92
N THR A 89 -9.82 16.08 7.10
CA THR A 89 -9.64 14.73 7.60
C THR A 89 -10.56 14.55 8.80
N VAL A 90 -11.28 13.43 8.83
CA VAL A 90 -12.25 13.14 9.89
C VAL A 90 -11.71 11.96 10.70
N VAL A 91 -11.74 12.07 12.03
CA VAL A 91 -11.16 11.07 12.93
C VAL A 91 -12.13 10.85 14.08
N LEU A 92 -12.21 9.59 14.53
CA LEU A 92 -12.97 9.26 15.73
C LEU A 92 -12.15 9.58 16.97
N TYR A 93 -12.77 10.24 17.94
CA TYR A 93 -12.11 10.51 19.22
C TYR A 93 -11.54 9.25 19.83
N SER A 94 -12.28 8.13 19.73
CA SER A 94 -11.84 6.85 20.29
C SER A 94 -10.59 6.25 19.63
N GLN A 95 -10.14 6.75 18.47
CA GLN A 95 -8.84 6.34 17.92
C GLN A 95 -7.67 7.11 18.51
N LEU A 96 -7.90 8.20 19.24
CA LEU A 96 -6.87 9.09 19.75
C LEU A 96 -6.79 9.14 21.26
N VAL A 97 -7.91 8.89 21.94
CA VAL A 97 -7.97 8.89 23.39
C VAL A 97 -8.79 7.67 23.82
N PRO A 98 -8.11 6.59 24.24
CA PRO A 98 -6.66 6.45 24.23
C PRO A 98 -6.18 6.14 22.84
N TRP A 99 -4.90 6.30 22.61
CA TRP A 99 -4.39 6.12 21.26
C TRP A 99 -4.51 4.68 20.78
N CYS A 100 -4.91 4.52 19.51
N CYS A 100 -4.82 4.53 19.50
CA CYS A 100 -4.71 3.30 18.73
CA CYS A 100 -4.70 3.28 18.78
C CYS A 100 -3.53 3.53 17.79
C CYS A 100 -3.60 3.47 17.74
N PHE A 101 -2.65 2.53 17.69
CA PHE A 101 -1.51 2.58 16.76
C PHE A 101 -1.46 1.40 15.80
N PRO A 102 -1.40 1.69 14.50
CA PRO A 102 -1.58 2.99 13.84
C PRO A 102 -3.04 3.43 13.93
N PRO A 103 -3.30 4.72 14.10
CA PRO A 103 -4.68 5.20 14.14
C PRO A 103 -5.36 5.12 12.77
N SER A 104 -6.67 5.01 12.79
N SER A 104 -6.69 5.08 12.80
CA SER A 104 -7.42 5.12 11.54
CA SER A 104 -7.54 5.07 11.62
C SER A 104 -8.01 6.52 11.36
C SER A 104 -8.17 6.45 11.38
N ARG A 105 -8.29 6.83 10.11
CA ARG A 105 -9.05 8.03 9.75
C ARG A 105 -10.38 7.61 9.14
N GLU A 106 -11.46 8.28 9.55
CA GLU A 106 -12.80 7.90 9.10
C GLU A 106 -13.03 8.30 7.64
N MET A 107 -12.45 9.41 7.20
N MET A 107 -12.52 9.44 7.22
CA MET A 107 -12.80 10.01 5.91
CA MET A 107 -12.68 9.84 5.82
C MET A 107 -11.72 11.01 5.55
C MET A 107 -11.70 10.96 5.53
N GLN A 108 -11.54 11.23 4.25
CA GLN A 108 -10.60 12.25 3.79
C GLN A 108 -11.16 12.93 2.54
N PHE A 109 -11.34 14.26 2.62
CA PHE A 109 -11.59 15.07 1.45
C PHE A 109 -10.32 15.79 1.04
N GLY A 110 -10.04 15.81 -0.28
CA GLY A 110 -9.06 16.74 -0.83
C GLY A 110 -9.20 16.84 -2.33
N GLU A 111 -8.54 17.83 -2.90
CA GLU A 111 -8.69 18.09 -4.33
C GLU A 111 -8.10 16.99 -5.21
N TRP A 112 -7.08 16.27 -4.72
CA TRP A 112 -6.55 15.17 -5.52
C TRP A 112 -7.57 14.07 -5.71
N LEU A 113 -8.67 14.08 -4.97
CA LEU A 113 -9.70 13.06 -5.07
C LEU A 113 -10.94 13.58 -5.77
N ARG A 114 -10.89 14.80 -6.35
CA ARG A 114 -12.09 15.42 -6.93
C ARG A 114 -12.77 14.52 -7.95
N GLU A 115 -12.01 13.91 -8.85
CA GLU A 115 -12.63 13.12 -9.92
C GLU A 115 -13.41 11.94 -9.35
N ASP A 116 -12.88 11.30 -8.31
CA ASP A 116 -13.58 10.18 -7.68
C ASP A 116 -14.75 10.69 -6.86
N ILE A 117 -14.51 11.74 -6.06
CA ILE A 117 -15.53 12.22 -5.14
C ILE A 117 -16.73 12.72 -5.93
N CYS A 118 -16.47 13.34 -7.10
N CYS A 118 -16.48 13.31 -7.11
CA CYS A 118 -17.55 13.79 -7.96
CA CYS A 118 -17.60 13.82 -7.90
C CYS A 118 -18.50 12.66 -8.29
C CYS A 118 -18.40 12.72 -8.57
N GLN A 119 -17.97 11.46 -8.49
CA GLN A 119 -18.76 10.30 -8.89
C GLN A 119 -19.28 9.50 -7.70
N GLY A 120 -19.17 10.03 -6.48
CA GLY A 120 -19.64 9.30 -5.32
C GLY A 120 -18.70 8.22 -4.82
N ILE A 121 -17.45 8.20 -5.28
CA ILE A 121 -16.46 7.23 -4.83
C ILE A 121 -15.66 7.87 -3.70
N TYR A 122 -15.76 7.30 -2.49
CA TYR A 122 -15.09 7.84 -1.30
C TYR A 122 -14.15 6.79 -0.68
N GLU A 123 -12.98 7.23 -0.23
CA GLU A 123 -12.07 6.31 0.44
C GLU A 123 -12.73 5.81 1.72
N PRO A 124 -12.65 4.54 2.04
CA PRO A 124 -13.23 4.05 3.30
C PRO A 124 -12.35 4.47 4.47
N ALA A 125 -12.88 4.32 5.67
CA ALA A 125 -12.03 4.43 6.85
C ALA A 125 -10.87 3.45 6.72
N GLN A 126 -9.70 3.88 7.18
CA GLN A 126 -8.50 3.08 6.99
C GLN A 126 -7.38 3.57 7.90
N GLN A 127 -6.47 2.66 8.20
CA GLN A 127 -5.32 3.01 9.03
C GLN A 127 -4.38 3.97 8.32
N ASP A 128 -3.79 4.90 9.08
CA ASP A 128 -2.89 5.87 8.46
C ASP A 128 -1.92 6.38 9.52
N TRP A 129 -0.65 5.95 9.44
CA TRP A 129 0.38 6.44 10.36
C TRP A 129 0.51 7.96 10.34
N ASP A 130 0.16 8.62 9.22
CA ASP A 130 0.26 10.08 9.19
C ASP A 130 -0.62 10.73 10.24
N MET A 131 -1.69 10.05 10.72
CA MET A 131 -2.50 10.64 11.80
CA MET A 131 -2.49 10.63 11.80
CA MET A 131 -2.50 10.64 11.80
C MET A 131 -1.67 10.92 13.05
N VAL A 132 -0.66 10.10 13.34
CA VAL A 132 0.20 10.41 14.49
C VAL A 132 0.92 11.75 14.26
N LEU A 133 1.40 11.98 13.04
CA LEU A 133 2.10 13.23 12.73
C LEU A 133 1.13 14.41 12.76
N LEU A 134 -0.10 14.19 12.27
CA LEU A 134 -1.10 15.26 12.22
C LEU A 134 -1.45 15.73 13.64
N ILE A 135 -1.75 14.79 14.55
CA ILE A 135 -2.09 15.16 15.92
C ILE A 135 -0.89 15.77 16.63
N THR A 136 0.29 15.22 16.39
CA THR A 136 1.49 15.82 16.99
C THR A 136 1.64 17.29 16.56
N GLN A 137 1.44 17.58 15.27
CA GLN A 137 1.57 18.98 14.81
C GLN A 137 0.46 19.86 15.38
N ILE A 138 -0.75 19.32 15.46
CA ILE A 138 -1.86 20.09 16.02
C ILE A 138 -1.65 20.43 17.50
N LEU A 139 -1.04 19.52 18.27
CA LEU A 139 -0.75 19.82 19.67
C LEU A 139 0.21 20.98 19.81
N GLU A 140 1.06 21.20 18.81
CA GLU A 140 1.96 22.35 18.93
C GLU A 140 1.37 23.62 18.34
N THR A 141 0.73 23.52 17.19
CA THR A 141 0.27 24.70 16.44
C THR A 141 -1.09 24.42 15.79
N SER A 142 -2.15 24.96 16.36
CA SER A 142 -3.47 24.82 15.76
C SER A 142 -4.41 25.83 16.39
N ILE A 143 -5.57 26.00 15.76
CA ILE A 143 -6.64 26.89 16.23
C ILE A 143 -7.93 26.09 16.30
N PRO A 144 -8.61 26.04 17.45
CA PRO A 144 -9.90 25.35 17.52
C PRO A 144 -10.99 26.23 16.92
N LEU A 145 -11.53 25.79 15.79
CA LEU A 145 -12.66 26.51 15.21
C LEU A 145 -13.96 26.12 15.93
N LYS A 146 -14.03 24.91 16.45
CA LYS A 146 -15.15 24.42 17.25
C LYS A 146 -14.53 23.49 18.29
N GLY A 147 -15.07 23.53 19.52
CA GLY A 147 -14.54 22.63 20.52
C GLY A 147 -13.31 23.18 21.22
N GLU A 148 -12.65 22.30 21.98
CA GLU A 148 -11.58 22.71 22.87
C GLU A 148 -10.23 22.81 22.15
N ARG A 149 -9.35 23.64 22.72
CA ARG A 149 -7.96 23.66 22.26
C ARG A 149 -7.34 22.27 22.31
N ALA A 150 -6.44 22.00 21.35
CA ALA A 150 -5.91 20.64 21.17
C ALA A 150 -5.30 20.07 22.44
N GLU A 151 -4.59 20.90 23.21
CA GLU A 151 -3.91 20.34 24.37
C GLU A 151 -4.87 19.96 25.49
N ARG A 152 -6.16 20.36 25.41
CA ARG A 152 -7.19 19.90 26.35
C ARG A 152 -7.96 18.70 25.84
N LEU A 153 -7.73 18.30 24.58
CA LEU A 153 -8.48 17.24 23.94
C LEU A 153 -7.63 16.01 23.67
N PHE A 154 -6.46 16.17 23.09
CA PHE A 154 -5.61 15.06 22.68
C PHE A 154 -4.45 14.91 23.66
N THR A 155 -3.79 13.76 23.60
CA THR A 155 -2.53 13.56 24.34
C THR A 155 -1.39 13.23 23.40
N PRO A 156 -0.15 13.60 23.75
CA PRO A 156 1.00 13.24 22.92
C PRO A 156 1.11 11.73 22.77
N ALA A 157 1.54 11.31 21.56
CA ALA A 157 1.90 9.93 21.34
C ALA A 157 3.25 9.64 22.04
N PRO A 158 3.53 8.40 22.39
CA PRO A 158 4.90 8.07 22.87
C PRO A 158 5.90 8.33 21.76
N ALA A 159 7.12 8.76 22.16
CA ALA A 159 8.20 8.95 21.18
C ALA A 159 8.37 7.72 20.30
N ALA A 160 8.21 6.52 20.86
CA ALA A 160 8.43 5.29 20.09
C ALA A 160 7.48 5.21 18.90
N GLN A 161 6.25 5.72 19.07
CA GLN A 161 5.28 5.69 17.97
C GLN A 161 5.49 6.86 17.02
N LEU A 162 5.89 8.03 17.54
CA LEU A 162 6.24 9.15 16.64
C LEU A 162 7.39 8.78 15.72
N LEU A 163 8.38 8.05 16.25
CA LEU A 163 9.50 7.56 15.42
C LEU A 163 8.99 6.66 14.29
N LYS A 164 8.11 5.68 14.62
CA LYS A 164 7.60 4.80 13.58
C LYS A 164 6.83 5.58 12.53
N ALA A 165 6.04 6.59 12.95
CA ALA A 165 5.23 7.37 12.01
C ALA A 165 6.11 8.17 11.07
N LEU A 166 7.21 8.73 11.58
CA LEU A 166 8.12 9.51 10.72
C LEU A 166 8.87 8.61 9.74
N ARG A 167 9.23 7.38 10.16
CA ARG A 167 9.99 6.54 9.26
C ARG A 167 9.14 5.73 8.30
N TYR A 168 7.84 5.60 8.57
CA TYR A 168 6.99 4.79 7.69
C TYR A 168 7.01 5.27 6.24
N PRO A 169 6.85 6.55 5.92
CA PRO A 169 6.86 6.95 4.52
C PRO A 169 8.23 6.78 3.91
N LEU A 170 9.27 7.02 4.73
CA LEU A 170 10.67 6.93 4.29
C LEU A 170 10.96 5.54 3.82
N ASP A 171 10.56 4.54 4.61
CA ASP A 171 10.78 3.15 4.21
C ASP A 171 9.97 2.80 2.96
N LEU A 172 8.79 3.39 2.81
CA LEU A 172 7.87 3.04 1.71
C LEU A 172 8.24 3.65 0.36
N TRP A 173 8.90 4.81 0.32
CA TRP A 173 9.39 5.34 -0.95
C TRP A 173 10.57 4.51 -1.40
N GLN A 174 10.43 3.81 -2.52
CA GLN A 174 11.53 3.01 -3.01
C GLN A 174 11.82 3.11 -4.51
N SER A 175 10.79 3.02 -5.36
CA SER A 175 10.99 2.90 -6.82
C SER A 175 10.66 4.21 -7.54
N THR A 176 11.00 4.27 -8.82
CA THR A 176 10.66 5.45 -9.64
C THR A 176 9.17 5.73 -9.61
N ALA A 177 8.35 4.68 -9.71
CA ALA A 177 6.91 4.90 -9.72
C ALA A 177 6.40 5.39 -8.36
N ASP A 178 7.09 5.04 -7.26
CA ASP A 178 6.66 5.50 -5.94
C ASP A 178 6.75 7.02 -5.81
N VAL A 179 7.60 7.68 -6.61
CA VAL A 179 7.84 9.11 -6.46
C VAL A 179 7.35 9.92 -7.65
N GLN A 180 7.13 9.29 -8.81
CA GLN A 180 6.68 10.00 -10.00
C GLN A 180 5.37 10.74 -9.75
N GLY A 181 5.29 12.01 -10.22
CA GLY A 181 4.14 12.87 -10.01
C GLY A 181 4.17 13.66 -8.71
N ASP A 182 5.10 13.32 -7.79
CA ASP A 182 5.17 13.97 -6.49
C ASP A 182 6.63 14.30 -6.17
N GLU A 183 7.47 14.56 -7.19
CA GLU A 183 8.92 14.68 -6.97
C GLU A 183 9.29 15.78 -5.99
N TYR A 184 8.91 17.03 -6.27
CA TYR A 184 9.30 18.10 -5.33
C TYR A 184 8.65 17.90 -3.97
N HIS A 185 7.41 17.40 -3.93
CA HIS A 185 6.76 17.18 -2.65
C HIS A 185 7.52 16.15 -1.82
N ILE A 186 7.95 15.04 -2.46
CA ILE A 186 8.67 13.99 -1.71
C ILE A 186 10.04 14.51 -1.25
N VAL A 187 10.78 15.18 -2.15
CA VAL A 187 12.09 15.73 -1.75
C VAL A 187 11.94 16.66 -0.54
N LEU A 188 10.95 17.56 -0.57
CA LEU A 188 10.75 18.48 0.55
C LEU A 188 10.27 17.74 1.81
N THR A 189 9.37 16.76 1.65
CA THR A 189 8.94 16.03 2.85
C THR A 189 10.06 15.23 3.48
N LEU A 190 10.98 14.67 2.66
CA LEU A 190 12.16 14.03 3.21
C LEU A 190 13.01 15.01 4.01
N ALA A 191 13.16 16.26 3.53
CA ALA A 191 13.90 17.24 4.33
C ALA A 191 13.19 17.50 5.65
N ARG A 192 11.84 17.56 5.64
CA ARG A 192 11.10 17.76 6.91
C ARG A 192 11.30 16.57 7.87
N ILE A 193 11.24 15.32 7.35
CA ILE A 193 11.44 14.14 8.19
C ILE A 193 12.83 14.17 8.80
N TRP A 194 13.84 14.48 7.98
CA TRP A 194 15.22 14.56 8.43
C TRP A 194 15.35 15.60 9.55
N TYR A 195 14.79 16.79 9.34
CA TYR A 195 14.77 17.85 10.36
C TYR A 195 14.14 17.36 11.67
N THR A 196 12.98 16.72 11.59
CA THR A 196 12.28 16.30 12.82
C THR A 196 13.06 15.21 13.56
N LEU A 197 13.62 14.23 12.84
CA LEU A 197 14.36 13.18 13.54
C LEU A 197 15.65 13.73 14.16
N SER A 198 16.25 14.77 13.56
N SER A 198 16.23 14.77 13.56
CA SER A 198 17.51 15.32 14.05
CA SER A 198 17.50 15.31 14.05
C SER A 198 17.32 16.32 15.19
C SER A 198 17.35 16.34 15.16
N THR A 199 16.21 17.03 15.23
CA THR A 199 16.01 18.13 16.17
C THR A 199 14.85 17.90 17.12
N GLY A 200 13.94 17.00 16.79
CA GLY A 200 12.72 16.81 17.53
C GLY A 200 11.64 17.84 17.24
N ARG A 201 11.86 18.73 16.27
CA ARG A 201 10.95 19.85 16.02
C ARG A 201 10.30 19.71 14.63
N PHE A 202 9.25 20.50 14.40
CA PHE A 202 8.58 20.58 13.11
C PHE A 202 8.81 21.95 12.49
N THR A 203 8.98 21.99 11.18
CA THR A 203 9.24 23.27 10.50
C THR A 203 8.61 23.23 9.11
N SER A 204 8.59 24.37 8.41
CA SER A 204 7.93 24.46 7.12
C SER A 204 8.77 23.75 6.02
N LYS A 205 8.13 23.48 4.88
CA LYS A 205 8.85 22.87 3.76
C LYS A 205 10.10 23.69 3.41
N ASP A 206 9.90 25.01 3.20
CA ASP A 206 11.01 25.90 2.81
C ASP A 206 12.11 25.91 3.87
N ALA A 207 11.75 26.12 5.15
CA ALA A 207 12.77 26.19 6.19
C ALA A 207 13.49 24.85 6.35
N ALA A 208 12.79 23.71 6.18
CA ALA A 208 13.48 22.41 6.26
C ALA A 208 14.50 22.26 5.14
N ALA A 209 14.15 22.71 3.93
CA ALA A 209 15.12 22.68 2.83
C ALA A 209 16.34 23.52 3.19
N ASP A 210 16.12 24.73 3.69
CA ASP A 210 17.28 25.56 4.04
C ASP A 210 18.13 24.93 5.15
N TRP A 211 17.51 24.26 6.13
CA TRP A 211 18.27 23.59 7.19
C TRP A 211 19.14 22.47 6.63
N LEU A 212 18.61 21.69 5.68
CA LEU A 212 19.32 20.51 5.17
C LEU A 212 20.39 20.86 4.13
N LEU A 213 20.14 21.87 3.30
CA LEU A 213 21.04 22.17 2.16
C LEU A 213 22.50 22.21 2.52
N PRO A 214 22.97 22.99 3.50
CA PRO A 214 24.42 23.08 3.69
C PRO A 214 25.05 21.80 4.19
N GLN A 215 24.24 20.81 4.60
CA GLN A 215 24.78 19.57 5.11
C GLN A 215 25.00 18.53 4.03
N LEU A 216 24.48 18.73 2.86
CA LEU A 216 24.48 17.71 1.80
C LEU A 216 25.70 17.85 0.89
N PRO A 217 26.19 16.74 0.32
CA PRO A 217 27.08 16.85 -0.84
C PRO A 217 26.39 17.62 -1.95
N GLU A 218 27.18 18.34 -2.74
CA GLU A 218 26.60 19.31 -3.67
C GLU A 218 25.60 18.69 -4.63
N ASP A 219 25.81 17.42 -5.05
CA ASP A 219 24.87 16.86 -6.02
C ASP A 219 23.47 16.72 -5.42
N TYR A 220 23.39 16.36 -4.14
CA TYR A 220 22.09 16.21 -3.50
C TYR A 220 21.54 17.58 -3.15
N ALA A 221 22.42 18.55 -2.77
CA ALA A 221 21.94 19.92 -2.57
C ALA A 221 21.31 20.49 -3.84
N ALA A 222 21.87 20.16 -5.02
CA ALA A 222 21.28 20.70 -6.25
C ALA A 222 19.86 20.18 -6.46
N THR A 223 19.61 18.87 -6.20
CA THR A 223 18.24 18.34 -6.34
C THR A 223 17.29 19.00 -5.35
N LEU A 224 17.72 19.16 -4.10
CA LEU A 224 16.89 19.81 -3.10
C LEU A 224 16.60 21.27 -3.47
N ARG A 225 17.61 21.98 -3.97
N ARG A 225 17.62 22.00 -3.95
CA ARG A 225 17.40 23.37 -4.37
CA ARG A 225 17.40 23.38 -4.39
C ARG A 225 16.42 23.48 -5.53
C ARG A 225 16.37 23.44 -5.50
N ALA A 226 16.43 22.51 -6.46
CA ALA A 226 15.45 22.55 -7.57
C ALA A 226 14.03 22.32 -7.04
N ALA A 227 13.86 21.37 -6.11
CA ALA A 227 12.55 21.14 -5.51
C ALA A 227 12.05 22.37 -4.77
N GLN A 228 12.92 22.99 -3.94
CA GLN A 228 12.55 24.20 -3.20
C GLN A 228 12.17 25.34 -4.13
N ARG A 229 12.97 25.55 -5.18
CA ARG A 229 12.71 26.66 -6.08
C ARG A 229 11.39 26.48 -6.83
N GLU A 230 11.03 25.22 -7.16
CA GLU A 230 9.73 25.01 -7.81
C GLU A 230 8.60 25.30 -6.81
N TYR A 231 8.70 24.74 -5.60
CA TYR A 231 7.69 24.95 -4.57
C TYR A 231 7.48 26.43 -4.28
N LEU A 232 8.55 27.22 -4.33
CA LEU A 232 8.46 28.66 -4.08
C LEU A 232 7.96 29.44 -5.28
N GLY A 233 7.67 28.78 -6.43
CA GLY A 233 7.06 29.45 -7.57
C GLY A 233 8.04 30.02 -8.55
N LEU A 234 9.34 29.79 -8.36
CA LEU A 234 10.37 30.52 -9.11
C LEU A 234 10.81 29.85 -10.40
N GLU A 235 10.56 28.55 -10.55
CA GLU A 235 10.89 27.83 -11.77
C GLU A 235 10.29 26.44 -11.73
N GLN A 236 9.56 26.06 -12.77
CA GLN A 236 9.02 24.69 -12.89
C GLN A 236 9.98 23.83 -13.68
N GLN A 237 10.45 22.75 -13.07
CA GLN A 237 11.44 21.88 -13.68
C GLN A 237 10.74 20.87 -14.57
N ASP A 238 11.53 20.23 -15.42
CA ASP A 238 11.08 19.01 -16.09
C ASP A 238 11.45 17.85 -15.20
N TRP A 239 10.47 17.34 -14.43
CA TRP A 239 10.78 16.28 -13.47
C TRP A 239 11.03 14.94 -14.12
N HIS A 240 10.63 14.74 -15.37
CA HIS A 240 11.00 13.49 -16.02
C HIS A 240 12.52 13.40 -16.20
N ILE A 241 13.15 14.51 -16.60
CA ILE A 241 14.61 14.57 -16.74
C ILE A 241 15.31 14.41 -15.39
N LEU A 242 14.76 15.03 -14.34
CA LEU A 242 15.34 14.97 -13.00
C LEU A 242 15.03 13.67 -12.24
N LEU A 243 14.16 12.79 -12.75
CA LEU A 243 13.78 11.59 -12.00
C LEU A 243 14.97 10.77 -11.50
N PRO A 244 15.99 10.48 -12.32
CA PRO A 244 17.09 9.68 -11.80
C PRO A 244 17.80 10.35 -10.63
N ALA A 245 17.93 11.68 -10.64
CA ALA A 245 18.56 12.34 -9.52
C ALA A 245 17.63 12.38 -8.30
N VAL A 246 16.31 12.44 -8.52
CA VAL A 246 15.38 12.34 -7.40
C VAL A 246 15.49 10.97 -6.74
N VAL A 247 15.53 9.89 -7.55
CA VAL A 247 15.69 8.55 -6.98
C VAL A 247 16.98 8.49 -6.17
N ARG A 248 18.10 9.08 -6.70
CA ARG A 248 19.34 9.08 -5.91
C ARG A 248 19.18 9.86 -4.59
N PHE A 249 18.42 10.98 -4.62
CA PHE A 249 18.18 11.77 -3.40
C PHE A 249 17.37 10.94 -2.39
N VAL A 250 16.32 10.25 -2.85
CA VAL A 250 15.52 9.39 -1.97
C VAL A 250 16.40 8.34 -1.32
N ASP A 251 17.27 7.70 -2.10
CA ASP A 251 18.15 6.69 -1.52
C ASP A 251 19.17 7.28 -0.55
N PHE A 252 19.66 8.51 -0.82
CA PHE A 252 20.59 9.15 0.12
C PHE A 252 19.88 9.40 1.44
N ALA A 253 18.65 9.89 1.38
CA ALA A 253 17.89 10.13 2.62
C ALA A 253 17.61 8.82 3.36
N LYS A 254 17.23 7.77 2.62
CA LYS A 254 17.07 6.47 3.29
C LYS A 254 18.35 6.01 3.98
N ALA A 255 19.52 6.28 3.36
CA ALA A 255 20.76 5.84 3.99
C ALA A 255 21.18 6.72 5.16
N HIS A 256 20.80 8.00 5.18
CA HIS A 256 21.39 8.96 6.11
C HIS A 256 20.44 9.48 7.19
N ILE A 257 19.12 9.44 6.99
CA ILE A 257 18.26 9.99 8.03
C ILE A 257 18.40 9.16 9.32
N PRO A 258 18.39 9.77 10.49
CA PRO A 258 18.53 8.99 11.73
C PRO A 258 17.46 7.92 11.88
N THR A 259 17.82 6.85 12.60
CA THR A 259 16.91 5.76 12.94
C THR A 259 16.39 5.85 14.37
N GLN A 260 16.78 6.87 15.13
CA GLN A 260 16.23 7.17 16.46
C GLN A 260 16.43 8.67 16.66
N PHE A 261 15.58 9.28 17.48
CA PHE A 261 15.70 10.73 17.70
C PHE A 261 17.09 11.06 18.19
N THR A 262 17.77 11.99 17.48
CA THR A 262 19.16 12.46 17.80
C THR A 262 19.26 13.01 19.23
N GLY A 264 19.76 11.78 24.84
CA GLY A 264 19.31 12.37 23.59
C GLY A 264 19.20 13.90 23.63
N HIS A 265 18.24 14.39 24.42
CA HIS A 265 17.97 15.80 24.63
C HIS A 265 17.37 16.50 23.42
N HIS A 266 17.00 15.75 22.37
CA HIS A 266 16.41 16.28 21.15
C HIS A 266 15.18 15.47 20.76
N HIS A 267 14.53 14.82 21.72
CA HIS A 267 13.22 14.27 21.41
C HIS A 267 12.23 15.41 21.24
N HIS A 268 11.09 15.10 20.64
CA HIS A 268 10.04 16.10 20.49
C HIS A 268 9.38 16.35 21.85
N HIS A 269 9.28 17.61 22.23
CA HIS A 269 8.64 17.94 23.50
C HIS A 269 7.70 19.13 23.28
N THR B 2 5.90 -35.63 -17.98
CA THR B 2 5.83 -34.83 -16.75
C THR B 2 7.00 -33.84 -16.65
N LEU B 3 6.82 -32.65 -16.04
CA LEU B 3 5.61 -32.22 -15.29
C LEU B 3 4.20 -32.49 -15.89
N SER B 4 3.25 -32.74 -15.03
CA SER B 4 1.96 -33.21 -15.50
C SER B 4 0.84 -32.39 -14.88
N ILE B 5 -0.24 -32.23 -15.67
CA ILE B 5 -1.48 -31.56 -15.25
C ILE B 5 -2.32 -32.60 -14.52
N PRO B 6 -2.67 -32.36 -13.25
CA PRO B 6 -3.48 -33.35 -12.54
C PRO B 6 -4.71 -33.66 -13.35
N PRO B 7 -5.03 -34.95 -13.54
CA PRO B 7 -6.26 -35.30 -14.29
C PRO B 7 -7.49 -34.55 -13.77
N SER B 8 -7.62 -34.39 -12.44
CA SER B 8 -8.83 -33.82 -11.89
C SER B 8 -9.04 -32.33 -12.21
N ILE B 9 -8.03 -31.64 -12.75
CA ILE B 9 -8.20 -30.26 -13.21
C ILE B 9 -8.09 -30.11 -14.70
N GLN B 10 -7.92 -31.21 -15.43
CA GLN B 10 -7.66 -31.06 -16.88
C GLN B 10 -8.79 -30.37 -17.64
N GLN B 12 -11.26 -28.21 -16.66
CA GLN B 12 -11.41 -26.79 -16.35
C GLN B 12 -10.21 -25.99 -16.86
N THR B 13 -8.99 -26.58 -16.75
CA THR B 13 -7.78 -25.91 -17.23
C THR B 13 -7.82 -25.71 -18.74
N GLU B 14 -8.31 -26.73 -19.49
CA GLU B 14 -8.47 -26.59 -20.93
C GLU B 14 -9.50 -25.52 -21.24
N ALA B 15 -10.60 -25.49 -20.48
CA ALA B 15 -11.62 -24.46 -20.74
C ALA B 15 -11.06 -23.05 -20.50
N ALA B 16 -10.26 -22.88 -19.44
CA ALA B 16 -9.65 -21.57 -19.18
C ALA B 16 -8.69 -21.19 -20.29
N ARG B 18 -8.78 -22.14 -23.43
N ARG B 18 -8.77 -22.16 -23.43
CA ARG B 18 -9.51 -21.79 -24.65
CA ARG B 18 -9.56 -21.83 -24.62
C ARG B 18 -10.20 -20.43 -24.55
C ARG B 18 -10.16 -20.42 -24.54
N LEU B 19 -10.74 -20.09 -23.38
CA LEU B 19 -11.31 -18.76 -23.19
C LEU B 19 -10.25 -17.69 -23.36
N ILE B 20 -9.14 -17.84 -22.66
CA ILE B 20 -8.10 -16.81 -22.71
C ILE B 20 -7.60 -16.65 -24.13
N THR B 21 -7.42 -17.78 -24.82
CA THR B 21 -6.95 -17.74 -26.21
C THR B 21 -7.93 -17.01 -27.10
N ARG B 22 -9.25 -17.28 -26.96
CA ARG B 22 -10.24 -16.66 -27.82
CA ARG B 22 -10.26 -16.67 -27.81
C ARG B 22 -10.33 -15.15 -27.61
N VAL B 23 -10.25 -14.71 -26.34
CA VAL B 23 -10.44 -13.30 -26.04
C VAL B 23 -9.19 -12.48 -26.39
N THR B 24 -8.00 -13.01 -26.07
CA THR B 24 -6.79 -12.24 -26.32
C THR B 24 -6.37 -12.21 -27.79
N GLY B 25 -6.77 -13.21 -28.60
CA GLY B 25 -6.42 -13.22 -30.02
C GLY B 25 -4.95 -12.98 -30.29
N ASP B 26 -4.65 -12.02 -31.19
CA ASP B 26 -3.29 -11.98 -31.71
C ASP B 26 -2.28 -11.37 -30.74
N THR B 27 -2.71 -10.82 -29.60
CA THR B 27 -1.72 -10.33 -28.63
C THR B 27 -1.15 -11.41 -27.73
N LEU B 28 -1.70 -12.62 -27.77
CA LEU B 28 -1.27 -13.64 -26.82
C LEU B 28 0.11 -14.16 -27.21
N ARG B 29 0.99 -14.27 -26.23
CA ARG B 29 2.28 -14.92 -26.41
C ARG B 29 2.38 -16.28 -25.72
N ALA B 30 1.86 -16.42 -24.50
CA ALA B 30 1.92 -17.71 -23.82
C ALA B 30 0.90 -17.74 -22.67
N ILE B 31 0.60 -18.97 -22.25
CA ILE B 31 -0.15 -19.25 -21.03
C ILE B 31 0.58 -20.37 -20.29
N HIS B 32 0.87 -20.15 -18.98
CA HIS B 32 1.57 -21.14 -18.18
C HIS B 32 0.77 -21.50 -16.94
N LEU B 33 0.62 -22.81 -16.71
CA LEU B 33 0.08 -23.32 -15.43
C LEU B 33 1.23 -23.49 -14.44
N TYR B 34 1.06 -22.99 -13.23
CA TYR B 34 2.12 -23.10 -12.23
C TYR B 34 1.45 -23.25 -10.86
N GLY B 35 2.23 -23.13 -9.78
CA GLY B 35 1.68 -23.21 -8.42
C GLY B 35 1.39 -24.65 -8.02
N SER B 36 0.55 -24.81 -6.97
CA SER B 36 0.53 -26.12 -6.31
C SER B 36 -0.03 -27.25 -7.21
N ALA B 37 -0.79 -26.92 -8.27
CA ALA B 37 -1.24 -27.97 -9.21
C ALA B 37 -0.06 -28.67 -9.88
N VAL B 38 1.06 -27.96 -10.06
N VAL B 38 1.08 -27.99 -10.02
CA VAL B 38 2.25 -28.48 -10.74
CA VAL B 38 2.21 -28.65 -10.70
C VAL B 38 3.35 -28.82 -9.74
C VAL B 38 3.41 -28.82 -9.77
N ALA B 39 3.58 -27.91 -8.78
CA ALA B 39 4.70 -28.03 -7.85
C ALA B 39 4.37 -28.95 -6.68
N GLY B 40 3.09 -29.24 -6.44
CA GLY B 40 2.70 -30.11 -5.36
C GLY B 40 1.94 -29.38 -4.26
N GLY B 41 1.08 -30.12 -3.56
CA GLY B 41 0.26 -29.58 -2.49
C GLY B 41 -1.12 -29.09 -2.93
N LEU B 42 -1.76 -29.77 -3.86
CA LEU B 42 -3.09 -29.37 -4.33
C LEU B 42 -4.13 -29.84 -3.32
N LYS B 43 -4.79 -28.92 -2.62
CA LYS B 43 -5.72 -29.22 -1.54
C LYS B 43 -7.13 -28.92 -2.01
N PRO B 44 -8.17 -29.33 -1.28
CA PRO B 44 -9.54 -29.05 -1.77
C PRO B 44 -9.84 -27.57 -2.01
N ASN B 45 -9.30 -26.65 -1.22
CA ASN B 45 -9.56 -25.23 -1.41
C ASN B 45 -8.59 -24.56 -2.38
N SER B 46 -7.61 -25.29 -2.92
CA SER B 46 -6.60 -24.65 -3.72
C SER B 46 -7.18 -24.14 -5.02
N ASP B 47 -6.61 -23.02 -5.48
CA ASP B 47 -6.99 -22.48 -6.79
C ASP B 47 -6.16 -23.15 -7.89
N ILE B 48 -6.42 -22.75 -9.15
CA ILE B 48 -5.57 -23.15 -10.28
C ILE B 48 -4.87 -21.88 -10.75
N ASP B 49 -3.53 -21.87 -10.75
CA ASP B 49 -2.76 -20.65 -11.00
C ASP B 49 -2.31 -20.59 -12.47
N LEU B 50 -2.69 -19.50 -13.15
CA LEU B 50 -2.35 -19.30 -14.57
C LEU B 50 -1.68 -17.95 -14.78
N LEU B 51 -0.61 -17.93 -15.57
CA LEU B 51 0.02 -16.68 -16.01
C LEU B 51 -0.18 -16.53 -17.52
N VAL B 52 -0.69 -15.37 -17.94
CA VAL B 52 -0.97 -15.08 -19.36
C VAL B 52 0.01 -13.98 -19.79
N THR B 53 0.88 -14.29 -20.77
CA THR B 53 1.86 -13.31 -21.26
C THR B 53 1.33 -12.76 -22.58
N ILE B 54 1.24 -11.43 -22.68
CA ILE B 54 0.74 -10.77 -23.91
C ILE B 54 1.73 -9.71 -24.42
N GLN B 56 0.87 -6.71 -26.20
CA GLN B 56 0.36 -5.35 -26.12
C GLN B 56 -0.77 -5.33 -25.12
N PRO B 57 -1.04 -4.20 -24.49
CA PRO B 57 -2.16 -4.14 -23.53
C PRO B 57 -3.50 -4.53 -24.14
N LEU B 58 -4.38 -5.11 -23.32
CA LEU B 58 -5.72 -5.45 -23.80
C LEU B 58 -6.60 -4.20 -23.95
N THR B 59 -7.49 -4.22 -24.93
CA THR B 59 -8.44 -3.12 -24.98
C THR B 59 -9.36 -3.19 -23.76
N GLU B 60 -10.06 -2.09 -23.49
CA GLU B 60 -11.09 -2.14 -22.46
C GLU B 60 -12.08 -3.26 -22.76
N ALA B 61 -12.39 -3.46 -24.05
CA ALA B 61 -13.31 -4.52 -24.46
C ALA B 61 -12.77 -5.90 -24.14
N GLN B 62 -11.51 -6.16 -24.47
CA GLN B 62 -10.94 -7.48 -24.18
C GLN B 62 -10.95 -7.75 -22.69
N ARG B 63 -10.60 -6.74 -21.88
CA ARG B 63 -10.52 -6.92 -20.42
CA ARG B 63 -10.52 -6.92 -20.42
C ARG B 63 -11.88 -7.21 -19.82
N ALA B 64 -12.92 -6.47 -20.23
CA ALA B 64 -14.25 -6.68 -19.67
C ALA B 64 -14.76 -8.08 -20.01
N THR B 65 -14.56 -8.52 -21.25
CA THR B 65 -15.00 -9.84 -21.65
C THR B 65 -14.23 -10.93 -20.91
N LEU B 66 -12.93 -10.71 -20.73
CA LEU B 66 -12.12 -11.71 -20.03
C LEU B 66 -12.55 -11.84 -18.58
N MET B 67 -12.70 -10.72 -17.89
N MET B 67 -12.73 -10.72 -17.88
CA MET B 67 -13.13 -10.72 -16.49
CA MET B 67 -13.09 -10.78 -16.47
C MET B 67 -14.47 -11.39 -16.32
C MET B 67 -14.48 -11.37 -16.28
N GLN B 68 -15.45 -11.00 -17.13
CA GLN B 68 -16.80 -11.53 -16.95
C GLN B 68 -16.88 -13.00 -17.31
N GLU B 69 -16.20 -13.43 -18.37
CA GLU B 69 -16.20 -14.87 -18.68
C GLU B 69 -15.42 -15.69 -17.66
N LEU B 70 -14.34 -15.14 -17.08
CA LEU B 70 -13.64 -15.89 -16.03
C LEU B 70 -14.53 -16.08 -14.81
N LEU B 71 -15.40 -15.11 -14.51
CA LEU B 71 -16.39 -15.28 -13.44
C LEU B 71 -17.22 -16.54 -13.63
N ALA B 72 -17.59 -16.83 -14.87
CA ALA B 72 -18.40 -18.01 -15.19
C ALA B 72 -17.61 -19.30 -15.12
N LEU B 73 -16.28 -19.23 -15.30
N LEU B 73 -16.30 -19.22 -15.28
CA LEU B 73 -15.42 -20.42 -15.32
CA LEU B 73 -15.49 -20.44 -15.30
C LEU B 73 -14.76 -20.73 -13.98
C LEU B 73 -14.93 -20.80 -13.93
N SER B 74 -14.91 -19.85 -13.00
CA SER B 74 -14.30 -20.02 -11.69
C SER B 74 -15.43 -20.16 -10.67
N SER B 75 -15.11 -20.77 -9.54
N SER B 75 -15.17 -20.84 -9.56
CA SER B 75 -16.00 -20.94 -8.40
CA SER B 75 -16.06 -20.83 -8.42
C SER B 75 -15.26 -20.55 -7.12
C SER B 75 -15.28 -20.50 -7.14
N PRO B 76 -15.97 -20.02 -6.10
CA PRO B 76 -15.30 -19.71 -4.80
C PRO B 76 -14.55 -20.93 -4.28
N PRO B 77 -13.39 -20.73 -3.65
CA PRO B 77 -12.63 -21.88 -3.14
C PRO B 77 -13.48 -22.68 -2.18
N GLY B 78 -13.46 -24.00 -2.38
CA GLY B 78 -14.22 -24.94 -1.58
C GLY B 78 -15.67 -25.15 -1.99
N ALA B 79 -16.23 -24.29 -2.85
CA ALA B 79 -17.63 -24.45 -3.23
C ALA B 79 -17.89 -25.75 -3.98
N SER B 80 -16.90 -26.23 -4.75
CA SER B 80 -17.15 -27.41 -5.59
C SER B 80 -15.85 -28.18 -5.68
N ALA B 81 -15.93 -29.51 -5.66
CA ALA B 81 -14.76 -30.33 -5.98
C ALA B 81 -14.52 -30.46 -7.50
N GLU B 82 -15.47 -30.00 -8.30
N GLU B 82 -15.45 -30.04 -8.35
CA GLU B 82 -15.43 -30.17 -9.74
CA GLU B 82 -15.24 -30.18 -9.79
C GLU B 82 -15.01 -28.91 -10.47
C GLU B 82 -15.12 -28.87 -10.54
N LYS B 83 -15.15 -27.74 -9.84
CA LYS B 83 -14.95 -26.42 -10.47
C LYS B 83 -14.22 -25.58 -9.42
N ARG B 84 -12.91 -25.45 -9.59
CA ARG B 84 -12.07 -24.75 -8.62
C ARG B 84 -12.11 -23.23 -8.84
N ALA B 85 -11.57 -22.53 -7.86
CA ALA B 85 -11.19 -21.12 -8.04
C ALA B 85 -10.05 -20.99 -9.04
N LEU B 86 -10.13 -20.00 -9.96
CA LEU B 86 -9.06 -19.66 -10.88
C LEU B 86 -8.34 -18.40 -10.40
N GLN B 87 -7.03 -18.37 -10.55
CA GLN B 87 -6.25 -17.15 -10.41
CA GLN B 87 -6.26 -17.14 -10.41
C GLN B 87 -5.55 -16.92 -11.73
N VAL B 88 -5.81 -15.76 -12.37
CA VAL B 88 -5.26 -15.48 -13.69
C VAL B 88 -4.54 -14.15 -13.60
N THR B 89 -3.23 -14.15 -13.85
CA THR B 89 -2.43 -12.93 -13.83
C THR B 89 -1.98 -12.68 -15.26
N VAL B 90 -2.16 -11.44 -15.73
CA VAL B 90 -1.78 -11.05 -17.10
C VAL B 90 -0.60 -10.10 -17.02
N VAL B 91 0.44 -10.36 -17.83
CA VAL B 91 1.68 -9.59 -17.81
C VAL B 91 2.10 -9.32 -19.25
N LEU B 92 2.70 -8.14 -19.45
CA LEU B 92 3.29 -7.76 -20.72
C LEU B 92 4.67 -8.40 -20.85
N TYR B 93 4.95 -9.00 -22.01
CA TYR B 93 6.28 -9.54 -22.25
C TYR B 93 7.37 -8.50 -22.03
N SER B 94 7.09 -7.25 -22.43
CA SER B 94 8.03 -6.14 -22.27
C SER B 94 8.35 -5.74 -20.83
N GLN B 95 7.59 -6.21 -19.81
CA GLN B 95 7.98 -6.04 -18.40
C GLN B 95 8.95 -7.10 -17.93
N LEU B 96 9.14 -8.16 -18.69
CA LEU B 96 9.94 -9.30 -18.25
C LEU B 96 11.18 -9.54 -19.09
N VAL B 97 11.15 -9.14 -20.37
CA VAL B 97 12.26 -9.32 -21.29
C VAL B 97 12.43 -8.01 -22.06
N PRO B 98 13.41 -7.18 -21.67
CA PRO B 98 14.23 -7.33 -20.45
C PRO B 98 13.44 -6.95 -19.21
N TRP B 99 13.94 -7.35 -18.05
CA TRP B 99 13.18 -7.13 -16.84
C TRP B 99 13.05 -5.64 -16.48
N CYS B 100 11.89 -5.28 -15.97
N CYS B 100 11.86 -5.26 -16.02
CA CYS B 100 11.64 -4.03 -15.29
CA CYS B 100 11.62 -4.02 -15.28
C CYS B 100 11.41 -4.33 -13.82
C CYS B 100 11.45 -4.38 -13.81
N PHE B 101 12.11 -3.62 -12.93
CA PHE B 101 11.99 -3.82 -11.49
C PHE B 101 11.50 -2.60 -10.76
N PRO B 102 10.43 -2.75 -9.97
CA PRO B 102 9.54 -3.91 -9.88
C PRO B 102 8.70 -4.03 -11.14
N PRO B 103 8.40 -5.25 -11.57
CA PRO B 103 7.56 -5.41 -12.76
C PRO B 103 6.11 -5.05 -12.49
N SER B 104 5.41 -4.71 -13.58
N SER B 104 5.41 -4.69 -13.55
CA SER B 104 3.99 -4.42 -13.57
CA SER B 104 3.98 -4.46 -13.43
C SER B 104 3.19 -5.65 -13.98
C SER B 104 3.19 -5.66 -13.93
N ARG B 105 2.00 -5.79 -13.39
CA ARG B 105 1.02 -6.76 -13.91
C ARG B 105 -0.12 -6.01 -14.57
N GLU B 106 -0.55 -6.49 -15.73
CA GLU B 106 -1.60 -5.78 -16.48
C GLU B 106 -2.97 -5.97 -15.86
N MET B 107 -3.25 -7.16 -15.32
N MET B 107 -3.22 -7.11 -15.24
CA MET B 107 -4.59 -7.51 -14.85
CA MET B 107 -4.57 -7.48 -14.83
C MET B 107 -4.46 -8.64 -13.84
C MET B 107 -4.49 -8.67 -13.89
N GLN B 108 -5.45 -8.75 -12.98
CA GLN B 108 -5.53 -9.90 -12.08
CA GLN B 108 -5.53 -9.89 -12.07
C GLN B 108 -6.98 -10.29 -11.86
N PHE B 109 -7.30 -11.56 -12.15
CA PHE B 109 -8.54 -12.20 -11.76
C PHE B 109 -8.29 -13.12 -10.58
N GLY B 110 -9.18 -13.05 -9.59
CA GLY B 110 -9.26 -14.09 -8.55
C GLY B 110 -10.56 -14.00 -7.78
N GLU B 111 -10.85 -15.05 -7.03
CA GLU B 111 -12.15 -15.11 -6.34
C GLU B 111 -12.30 -14.08 -5.22
N TRP B 112 -11.19 -13.65 -4.61
CA TRP B 112 -11.27 -12.61 -3.60
C TRP B 112 -11.73 -11.28 -4.17
N LEU B 113 -11.79 -11.14 -5.50
CA LEU B 113 -12.24 -9.93 -6.16
C LEU B 113 -13.62 -10.09 -6.80
N ARG B 114 -14.30 -11.23 -6.54
CA ARG B 114 -15.57 -11.53 -7.20
C ARG B 114 -16.58 -10.39 -7.06
N GLU B 115 -16.77 -9.88 -5.83
CA GLU B 115 -17.79 -8.85 -5.60
C GLU B 115 -17.52 -7.62 -6.45
N ASP B 116 -16.25 -7.23 -6.60
CA ASP B 116 -15.88 -6.07 -7.40
C ASP B 116 -16.01 -6.38 -8.87
N ILE B 117 -15.48 -7.54 -9.30
CA ILE B 117 -15.45 -7.88 -10.72
C ILE B 117 -16.86 -8.01 -11.24
N CYS B 118 -17.78 -8.52 -10.42
N CYS B 118 -17.77 -8.55 -10.42
CA CYS B 118 -19.15 -8.65 -10.91
CA CYS B 118 -19.17 -8.63 -10.80
C CYS B 118 -19.89 -7.31 -11.03
C CYS B 118 -19.71 -7.27 -11.22
N GLN B 119 -19.35 -6.23 -10.47
CA GLN B 119 -19.84 -4.87 -10.75
C GLN B 119 -19.03 -4.15 -11.81
N GLY B 120 -18.13 -4.83 -12.51
CA GLY B 120 -17.30 -4.18 -13.50
C GLY B 120 -16.16 -3.36 -12.95
N ILE B 121 -15.78 -3.57 -11.69
CA ILE B 121 -14.65 -2.84 -11.09
C ILE B 121 -13.43 -3.75 -11.18
N TYR B 122 -12.38 -3.28 -11.86
CA TYR B 122 -11.19 -4.10 -12.11
C TYR B 122 -9.96 -3.36 -11.62
N GLU B 123 -9.01 -4.09 -11.01
CA GLU B 123 -7.77 -3.45 -10.58
C GLU B 123 -7.03 -2.98 -11.82
N PRO B 124 -6.44 -1.79 -11.80
CA PRO B 124 -5.68 -1.34 -12.97
C PRO B 124 -4.33 -2.03 -13.01
N ALA B 125 -3.64 -1.87 -14.14
CA ALA B 125 -2.26 -2.31 -14.19
C ALA B 125 -1.48 -1.62 -13.07
N GLN B 126 -0.54 -2.35 -12.47
CA GLN B 126 0.17 -1.81 -11.31
C GLN B 126 1.44 -2.60 -11.03
N GLN B 127 2.38 -1.94 -10.37
CA GLN B 127 3.61 -2.62 -10.00
C GLN B 127 3.37 -3.66 -8.91
N ASP B 128 4.11 -4.77 -8.97
CA ASP B 128 3.92 -5.85 -7.99
C ASP B 128 5.21 -6.64 -7.92
N TRP B 129 5.96 -6.50 -6.80
CA TRP B 129 7.17 -7.27 -6.58
C TRP B 129 6.90 -8.78 -6.64
N ASP B 130 5.67 -9.23 -6.35
CA ASP B 130 5.39 -10.66 -6.40
C ASP B 130 5.59 -11.23 -7.78
N MET B 131 5.51 -10.41 -8.84
N MET B 131 5.51 -10.39 -8.84
CA MET B 131 5.78 -10.94 -10.19
CA MET B 131 5.79 -10.88 -10.20
C MET B 131 7.18 -11.51 -10.30
C MET B 131 7.18 -11.49 -10.32
N VAL B 132 8.17 -10.94 -9.60
CA VAL B 132 9.50 -11.53 -9.64
C VAL B 132 9.44 -12.96 -9.08
N LEU B 133 8.70 -13.16 -7.97
CA LEU B 133 8.61 -14.51 -7.38
C LEU B 133 7.81 -15.45 -8.28
N LEU B 134 6.77 -14.91 -8.93
CA LEU B 134 5.95 -15.73 -9.85
C LEU B 134 6.79 -16.27 -11.00
N ILE B 135 7.52 -15.39 -11.67
CA ILE B 135 8.36 -15.82 -12.80
C ILE B 135 9.46 -16.74 -12.33
N THR B 136 10.05 -16.45 -11.17
CA THR B 136 11.10 -17.34 -10.65
C THR B 136 10.56 -18.74 -10.42
N GLN B 137 9.34 -18.85 -9.87
CA GLN B 137 8.77 -20.19 -9.64
C GLN B 137 8.39 -20.87 -10.95
N ILE B 138 7.87 -20.10 -11.91
CA ILE B 138 7.51 -20.66 -13.23
C ILE B 138 8.76 -21.18 -13.96
N LEU B 139 9.91 -20.51 -13.81
CA LEU B 139 11.14 -21.01 -14.42
C LEU B 139 11.53 -22.38 -13.89
N GLU B 140 11.17 -22.67 -12.66
CA GLU B 140 11.53 -23.97 -12.12
C GLU B 140 10.47 -25.02 -12.39
N THR B 141 9.19 -24.65 -12.22
CA THR B 141 8.10 -25.62 -12.26
C THR B 141 6.87 -25.01 -12.92
N SER B 142 6.63 -25.36 -14.18
CA SER B 142 5.42 -24.91 -14.86
C SER B 142 5.18 -25.77 -16.08
N ILE B 143 3.97 -25.62 -16.64
CA ILE B 143 3.57 -26.31 -17.88
C ILE B 143 3.06 -25.25 -18.85
N PRO B 144 3.60 -25.17 -20.07
CA PRO B 144 3.07 -24.26 -21.09
C PRO B 144 1.77 -24.81 -21.68
N LEU B 145 0.67 -24.15 -21.39
CA LEU B 145 -0.59 -24.53 -22.02
C LEU B 145 -0.67 -23.99 -23.44
N LYS B 146 -0.02 -22.84 -23.69
CA LYS B 146 0.08 -22.20 -25.00
C LYS B 146 1.44 -21.55 -25.05
N GLY B 147 2.12 -21.64 -26.20
CA GLY B 147 3.40 -20.97 -26.30
C GLY B 147 4.55 -21.82 -25.76
N GLU B 148 5.69 -21.18 -25.60
CA GLU B 148 6.91 -21.91 -25.28
C GLU B 148 7.07 -22.19 -23.78
N ARG B 149 7.84 -23.25 -23.52
CA ARG B 149 8.30 -23.52 -22.16
C ARG B 149 8.95 -22.29 -21.54
N ALA B 150 8.78 -22.14 -20.22
CA ALA B 150 9.19 -20.91 -19.56
C ALA B 150 10.67 -20.61 -19.76
N GLU B 151 11.52 -21.63 -19.74
CA GLU B 151 12.95 -21.35 -19.85
C GLU B 151 13.35 -20.87 -21.23
N ARG B 152 12.49 -21.01 -22.23
CA ARG B 152 12.78 -20.45 -23.55
C ARG B 152 12.19 -19.07 -23.74
N LEU B 153 11.38 -18.62 -22.80
CA LEU B 153 10.67 -17.35 -22.90
C LEU B 153 11.20 -16.30 -21.94
N PHE B 154 11.39 -16.66 -20.67
CA PHE B 154 11.79 -15.72 -19.64
C PHE B 154 13.25 -15.91 -19.25
N THR B 155 13.80 -14.93 -18.55
CA THR B 155 15.16 -15.07 -18.00
C THR B 155 15.11 -14.89 -16.48
N PRO B 156 16.00 -15.58 -15.75
CA PRO B 156 16.07 -15.36 -14.30
C PRO B 156 16.33 -13.91 -13.96
N ALA B 157 15.72 -13.45 -12.85
CA ALA B 157 16.06 -12.17 -12.30
C ALA B 157 17.43 -12.24 -11.61
N PRO B 158 18.13 -11.12 -11.45
CA PRO B 158 19.34 -11.14 -10.61
C PRO B 158 18.96 -11.53 -9.19
N ALA B 159 19.89 -12.20 -8.50
CA ALA B 159 19.66 -12.52 -7.09
C ALA B 159 19.33 -11.27 -6.27
N ALA B 160 19.97 -10.13 -6.60
CA ALA B 160 19.73 -8.89 -5.84
C ALA B 160 18.26 -8.49 -5.89
N GLN B 161 17.58 -8.78 -7.01
CA GLN B 161 16.16 -8.42 -7.13
C GLN B 161 15.26 -9.50 -6.52
N LEU B 162 15.65 -10.76 -6.62
CA LEU B 162 14.89 -11.82 -5.96
C LEU B 162 14.90 -11.59 -4.46
N LEU B 163 16.04 -11.15 -3.91
CA LEU B 163 16.12 -10.82 -2.47
C LEU B 163 15.12 -9.72 -2.11
N LYS B 164 15.10 -8.61 -2.89
CA LYS B 164 14.16 -7.54 -2.60
C LYS B 164 12.72 -8.03 -2.68
N ALA B 165 12.41 -8.91 -3.66
CA ALA B 165 11.03 -9.38 -3.82
C ALA B 165 10.61 -10.23 -2.64
N LEU B 166 11.51 -11.06 -2.12
CA LEU B 166 11.21 -11.92 -0.97
C LEU B 166 11.01 -11.11 0.30
N ARG B 167 11.80 -10.04 0.48
CA ARG B 167 11.72 -9.26 1.71
C ARG B 167 10.63 -8.20 1.69
N TYR B 168 10.14 -7.83 0.51
CA TYR B 168 9.12 -6.79 0.42
C TYR B 168 7.89 -7.09 1.25
N PRO B 169 7.27 -8.29 1.17
CA PRO B 169 6.07 -8.52 1.96
C PRO B 169 6.38 -8.58 3.43
N LEU B 170 7.59 -9.10 3.78
CA LEU B 170 8.02 -9.28 5.17
C LEU B 170 8.14 -7.93 5.83
N ASP B 171 8.75 -6.97 5.12
CA ASP B 171 8.84 -5.61 5.68
C ASP B 171 7.47 -4.97 5.77
N LEU B 172 6.55 -5.29 4.88
CA LEU B 172 5.25 -4.61 4.88
C LEU B 172 4.27 -5.12 5.92
N TRP B 173 4.35 -6.39 6.33
CA TRP B 173 3.50 -6.90 7.42
C TRP B 173 3.98 -6.27 8.73
N GLN B 174 3.13 -5.44 9.34
CA GLN B 174 3.54 -4.81 10.59
C GLN B 174 2.49 -4.83 11.72
N SER B 175 1.25 -4.49 11.39
CA SER B 175 0.22 -4.23 12.41
C SER B 175 -0.82 -5.35 12.45
N THR B 176 -1.67 -5.32 13.49
CA THR B 176 -2.77 -6.32 13.60
C THR B 176 -3.64 -6.30 12.36
N ALA B 177 -3.95 -5.11 11.85
CA ALA B 177 -4.81 -5.03 10.69
C ALA B 177 -4.13 -5.52 9.42
N ASP B 178 -2.79 -5.39 9.35
CA ASP B 178 -2.07 -5.92 8.20
C ASP B 178 -2.24 -7.44 8.06
N VAL B 179 -2.56 -8.15 9.14
CA VAL B 179 -2.61 -9.62 9.06
C VAL B 179 -4.00 -10.18 9.32
N GLN B 180 -4.91 -9.41 9.91
CA GLN B 180 -6.25 -9.89 10.21
C GLN B 180 -6.95 -10.36 8.94
N GLY B 181 -7.60 -11.53 9.03
CA GLY B 181 -8.29 -12.15 7.91
C GLY B 181 -7.42 -13.04 7.04
N ASP B 182 -6.08 -12.99 7.21
CA ASP B 182 -5.15 -13.77 6.44
C ASP B 182 -4.13 -14.43 7.37
N GLU B 183 -4.54 -14.77 8.60
CA GLU B 183 -3.56 -15.21 9.60
C GLU B 183 -2.80 -16.47 9.21
N TYR B 184 -3.50 -17.58 8.94
CA TYR B 184 -2.75 -18.80 8.60
C TYR B 184 -1.98 -18.61 7.30
N HIS B 185 -2.55 -17.86 6.34
CA HIS B 185 -1.86 -17.63 5.08
C HIS B 185 -0.55 -16.90 5.30
N ILE B 186 -0.58 -15.84 6.14
CA ILE B 186 0.65 -15.07 6.38
C ILE B 186 1.67 -15.88 7.14
N VAL B 187 1.24 -16.62 8.19
CA VAL B 187 2.17 -17.46 8.94
C VAL B 187 2.86 -18.46 8.02
N LEU B 188 2.07 -19.11 7.14
CA LEU B 188 2.68 -20.08 6.22
C LEU B 188 3.57 -19.41 5.16
N THR B 189 3.16 -18.24 4.66
N THR B 189 3.15 -18.25 4.65
CA THR B 189 3.99 -17.55 3.67
CA THR B 189 4.02 -17.60 3.66
C THR B 189 5.30 -17.10 4.29
C THR B 189 5.31 -17.12 4.28
N LEU B 190 5.29 -16.65 5.54
CA LEU B 190 6.54 -16.35 6.22
C LEU B 190 7.44 -17.57 6.29
N ALA B 191 6.89 -18.76 6.60
CA ALA B 191 7.71 -19.98 6.60
C ALA B 191 8.33 -20.22 5.23
N ARG B 192 7.55 -19.99 4.14
CA ARG B 192 8.10 -20.16 2.79
C ARG B 192 9.22 -19.16 2.52
N ILE B 193 9.02 -17.88 2.89
CA ILE B 193 10.06 -16.85 2.68
C ILE B 193 11.34 -17.24 3.42
N TRP B 194 11.19 -17.66 4.67
CA TRP B 194 12.32 -18.06 5.49
C TRP B 194 13.07 -19.23 4.81
N TYR B 195 12.32 -20.25 4.40
CA TYR B 195 12.92 -21.39 3.68
C TYR B 195 13.70 -20.92 2.45
N THR B 196 13.10 -20.07 1.61
CA THR B 196 13.80 -19.66 0.37
C THR B 196 15.05 -18.81 0.66
N LEU B 197 14.98 -17.88 1.61
CA LEU B 197 16.20 -17.12 1.93
C LEU B 197 17.30 -18.00 2.51
N SER B 198 16.93 -19.05 3.25
N SER B 198 16.94 -19.07 3.23
CA SER B 198 17.92 -19.91 3.90
CA SER B 198 17.93 -19.91 3.92
C SER B 198 18.53 -20.94 2.97
C SER B 198 18.45 -21.05 3.07
N THR B 199 17.77 -21.42 2.00
CA THR B 199 18.17 -22.55 1.16
C THR B 199 18.34 -22.19 -0.30
N GLY B 200 17.74 -21.10 -0.76
CA GLY B 200 17.69 -20.73 -2.17
C GLY B 200 16.61 -21.45 -2.94
N ARG B 201 15.79 -22.26 -2.28
CA ARG B 201 14.82 -23.11 -2.95
C ARG B 201 13.38 -22.69 -2.65
N PHE B 202 12.44 -23.20 -3.44
CA PHE B 202 11.02 -23.03 -3.20
C PHE B 202 10.37 -24.35 -2.80
N THR B 203 9.40 -24.30 -1.89
CA THR B 203 8.74 -25.52 -1.43
C THR B 203 7.28 -25.18 -1.09
N SER B 204 6.48 -26.21 -0.81
CA SER B 204 5.05 -26.03 -0.57
C SER B 204 4.80 -25.41 0.82
N LYS B 205 3.60 -24.87 1.03
CA LYS B 205 3.22 -24.31 2.33
C LYS B 205 3.46 -25.34 3.44
N ASP B 206 2.96 -26.56 3.25
CA ASP B 206 3.08 -27.60 4.29
C ASP B 206 4.54 -28.00 4.53
N ALA B 207 5.30 -28.23 3.45
CA ALA B 207 6.70 -28.62 3.63
C ALA B 207 7.51 -27.49 4.27
N ALA B 208 7.24 -26.22 3.93
CA ALA B 208 7.96 -25.10 4.57
C ALA B 208 7.65 -25.06 6.06
N ALA B 209 6.41 -25.30 6.46
CA ALA B 209 6.12 -25.31 7.90
C ALA B 209 6.88 -26.44 8.57
N ASP B 210 6.91 -27.63 7.94
CA ASP B 210 7.66 -28.74 8.54
C ASP B 210 9.16 -28.43 8.65
N TRP B 211 9.73 -27.74 7.65
CA TRP B 211 11.14 -27.36 7.71
C TRP B 211 11.43 -26.39 8.85
N LEU B 212 10.54 -25.42 9.08
CA LEU B 212 10.79 -24.38 10.08
C LEU B 212 10.49 -24.83 11.51
N LEU B 213 9.48 -25.69 11.69
CA LEU B 213 9.00 -26.03 13.04
C LEU B 213 10.10 -26.43 14.02
N PRO B 214 10.98 -27.38 13.71
CA PRO B 214 11.95 -27.80 14.72
C PRO B 214 12.98 -26.73 15.06
N GLN B 215 13.06 -25.64 14.30
CA GLN B 215 14.05 -24.62 14.56
C GLN B 215 13.55 -23.52 15.48
N LEU B 216 12.26 -23.46 15.74
CA LEU B 216 11.61 -22.37 16.49
C LEU B 216 11.57 -22.67 17.99
N PRO B 217 11.62 -21.64 18.83
CA PRO B 217 11.18 -21.81 20.24
C PRO B 217 9.74 -22.32 20.24
N GLU B 218 9.40 -23.08 21.28
CA GLU B 218 8.13 -23.81 21.28
C GLU B 218 6.92 -22.88 21.10
N ASP B 219 6.97 -21.67 21.66
CA ASP B 219 5.80 -20.80 21.54
C ASP B 219 5.51 -20.41 20.09
N TYR B 220 6.57 -20.18 19.30
CA TYR B 220 6.34 -19.85 17.90
C TYR B 220 6.03 -21.10 17.11
N ALA B 221 6.62 -22.26 17.49
CA ALA B 221 6.23 -23.51 16.82
C ALA B 221 4.74 -23.81 17.01
N ALA B 222 4.18 -23.49 18.18
CA ALA B 222 2.75 -23.77 18.39
C ALA B 222 1.88 -22.94 17.45
N THR B 223 2.24 -21.65 17.23
CA THR B 223 1.47 -20.82 16.29
C THR B 223 1.58 -21.37 14.87
N LEU B 224 2.79 -21.75 14.45
CA LEU B 224 2.98 -22.31 13.12
C LEU B 224 2.21 -23.62 12.95
N ARG B 225 2.22 -24.46 13.98
N ARG B 225 2.22 -24.49 13.98
CA ARG B 225 1.50 -25.73 13.90
CA ARG B 225 1.48 -25.74 13.89
C ARG B 225 -0.01 -25.51 13.79
C ARG B 225 0.00 -25.47 13.74
N ALA B 226 -0.55 -24.48 14.46
CA ALA B 226 -1.98 -24.19 14.32
C ALA B 226 -2.31 -23.72 12.92
N ALA B 227 -1.46 -22.86 12.32
CA ALA B 227 -1.70 -22.40 10.96
C ALA B 227 -1.64 -23.58 9.99
N GLN B 228 -0.62 -24.44 10.12
CA GLN B 228 -0.48 -25.62 9.27
C GLN B 228 -1.68 -26.56 9.38
N ARG B 229 -2.13 -26.83 10.61
N ARG B 229 -2.13 -26.83 10.61
CA ARG B 229 -3.24 -27.75 10.84
CA ARG B 229 -3.25 -27.74 10.82
C ARG B 229 -4.54 -27.22 10.26
C ARG B 229 -4.53 -27.21 10.22
N GLU B 230 -4.75 -25.89 10.29
CA GLU B 230 -5.93 -25.31 9.65
C GLU B 230 -5.85 -25.46 8.13
N TYR B 231 -4.68 -25.10 7.56
CA TYR B 231 -4.51 -25.20 6.11
C TYR B 231 -4.68 -26.64 5.62
N LEU B 232 -4.28 -27.61 6.42
CA LEU B 232 -4.44 -29.03 6.07
C LEU B 232 -5.86 -29.53 6.26
N GLY B 233 -6.80 -28.71 6.77
CA GLY B 233 -8.18 -29.12 6.89
C GLY B 233 -8.52 -29.79 8.20
N LEU B 234 -7.58 -29.86 9.16
CA LEU B 234 -7.74 -30.69 10.37
C LEU B 234 -8.39 -29.97 11.57
N GLU B 235 -8.40 -28.64 11.59
CA GLU B 235 -9.01 -27.91 12.67
C GLU B 235 -9.03 -26.44 12.32
N GLN B 236 -10.22 -25.81 12.38
CA GLN B 236 -10.33 -24.36 12.16
C GLN B 236 -10.25 -23.63 13.48
N GLN B 237 -9.26 -22.75 13.62
CA GLN B 237 -9.02 -22.04 14.87
C GLN B 237 -9.90 -20.81 14.94
N ASP B 238 -10.01 -20.27 16.14
CA ASP B 238 -10.53 -18.91 16.30
C ASP B 238 -9.35 -17.95 16.22
N TRP B 239 -9.16 -17.34 15.03
CA TRP B 239 -7.99 -16.48 14.82
C TRP B 239 -8.10 -15.15 15.55
N HIS B 240 -9.29 -14.72 15.97
CA HIS B 240 -9.33 -13.54 16.81
C HIS B 240 -8.56 -13.75 18.12
N ILE B 241 -8.77 -14.91 18.75
CA ILE B 241 -8.07 -15.26 19.99
C ILE B 241 -6.57 -15.41 19.76
N LEU B 242 -6.17 -16.02 18.64
CA LEU B 242 -4.77 -16.23 18.32
C LEU B 242 -4.07 -14.99 17.77
N LEU B 243 -4.77 -13.91 17.47
CA LEU B 243 -4.14 -12.76 16.84
C LEU B 243 -2.91 -12.22 17.57
N PRO B 244 -2.92 -12.06 18.90
CA PRO B 244 -1.71 -11.55 19.56
C PRO B 244 -0.53 -12.48 19.36
N ALA B 245 -0.75 -13.81 19.32
CA ALA B 245 0.33 -14.73 19.06
C ALA B 245 0.80 -14.69 17.60
N VAL B 246 -0.14 -14.45 16.67
CA VAL B 246 0.25 -14.27 15.28
C VAL B 246 1.13 -13.03 15.13
N VAL B 247 0.75 -11.90 15.76
CA VAL B 247 1.58 -10.70 15.70
C VAL B 247 2.97 -10.99 16.25
N ARG B 248 3.06 -11.74 17.38
CA ARG B 248 4.38 -12.09 17.89
C ARG B 248 5.17 -12.96 16.91
N PHE B 249 4.47 -13.87 16.21
CA PHE B 249 5.13 -14.70 15.19
C PHE B 249 5.67 -13.84 14.05
N VAL B 250 4.83 -12.91 13.56
CA VAL B 250 5.30 -12.02 12.47
C VAL B 250 6.53 -11.25 12.92
N ASP B 251 6.52 -10.74 14.16
CA ASP B 251 7.69 -9.99 14.64
C ASP B 251 8.92 -10.87 14.79
N PHE B 252 8.75 -12.13 15.21
CA PHE B 252 9.88 -13.06 15.30
C PHE B 252 10.47 -13.29 13.92
N ALA B 253 9.61 -13.54 12.93
CA ALA B 253 10.13 -13.73 11.56
C ALA B 253 10.84 -12.48 11.04
N LYS B 254 10.26 -11.28 11.27
CA LYS B 254 10.97 -10.06 10.87
C LYS B 254 12.35 -9.95 11.53
N ALA B 255 12.46 -10.39 12.79
CA ALA B 255 13.75 -10.30 13.49
C ALA B 255 14.73 -11.38 13.05
N HIS B 256 14.26 -12.54 12.60
CA HIS B 256 15.15 -13.70 12.41
C HIS B 256 15.36 -14.14 10.95
N ILE B 257 14.47 -13.77 10.02
CA ILE B 257 14.68 -14.24 8.65
C ILE B 257 15.96 -13.61 8.09
N PRO B 258 16.75 -14.32 7.30
CA PRO B 258 17.98 -13.74 6.76
C PRO B 258 17.74 -12.46 5.95
N THR B 259 18.75 -11.58 5.95
CA THR B 259 18.72 -10.37 5.13
C THR B 259 19.54 -10.50 3.85
N GLN B 260 20.14 -11.67 3.60
CA GLN B 260 20.84 -11.97 2.34
C GLN B 260 20.79 -13.49 2.22
N PHE B 261 20.88 -13.98 0.99
CA PHE B 261 20.82 -15.44 0.79
C PHE B 261 21.91 -16.14 1.58
N THR B 262 21.54 -17.16 2.37
CA THR B 262 22.48 -17.93 3.23
C THR B 262 23.55 -18.64 2.42
N GLY B 264 26.31 -17.65 0.65
CA GLY B 264 27.18 -18.28 -0.35
C GLY B 264 26.85 -19.77 -0.44
N HIS B 265 26.74 -20.27 -1.67
CA HIS B 265 26.42 -21.64 -2.04
C HIS B 265 24.95 -21.98 -1.90
N HIS B 266 24.13 -21.12 -1.28
CA HIS B 266 22.70 -21.36 -1.14
C HIS B 266 21.89 -20.28 -1.87
N HIS B 267 22.45 -19.68 -2.91
CA HIS B 267 21.62 -18.81 -3.74
C HIS B 267 20.67 -19.68 -4.57
N HIS B 268 19.65 -19.04 -5.14
CA HIS B 268 18.71 -19.77 -5.99
C HIS B 268 19.31 -19.97 -7.38
N HIS B 269 19.15 -21.17 -7.92
CA HIS B 269 19.60 -21.42 -9.28
C HIS B 269 18.48 -21.98 -10.16
#